data_6H9U
#
_entry.id   6H9U
#
_cell.length_a   153.310
_cell.length_b   66.750
_cell.length_c   44.300
_cell.angle_alpha   90.00
_cell.angle_beta   106.54
_cell.angle_gamma   90.00
#
_symmetry.space_group_name_H-M   'C 1 2 1'
#
loop_
_entity.id
_entity.type
_entity.pdbx_description
1 polymer 'Endoplasmic reticulum chaperone BiP'
2 polymer 'Mesencephalic astrocyte-derived neurotrophic factor'
3 non-polymer D-MALATE
4 non-polymer 'SODIUM ION'
5 water water
#
loop_
_entity_poly.entity_id
_entity_poly.type
_entity_poly.pdbx_seq_one_letter_code
_entity_poly.pdbx_strand_id
1 'polypeptide(L)'
;GTVVGIDLGTTYSCVGVFKNGRVEIIANDQGNRITPSYVAFTPEGERLIGDAAKNQLTSNPENTVFDAKRLIGRTWNDPS
VQQDIKFLPFKVVEKKTKPYIQVDIGGGQTKTFAPEEISAMVLTKMKETAEAYLGKKVTHAVVTVPAYFNDAQRQATKDA
GTIAGLNVMRIINEPTAAAIAYGLDKREGEKNILVFDLGGGTFDVSLLTIDNGVFEVVATNGDTHLGGEDFDQRVMEHFI
KLYKKKTGKDVRKDNRAVQKLRREVEKAKRALSSQHQARIEIESFFEGEDFSETLTRAKFEELNMDLFRSTMKPVQKVLE
DSDLKKSDIDEIVLVGGSTRIPKIQQLVKEFFNGKEPSRGINPDEAVAYGAAVQAGVLSGDQDTGD
;
A
2 'polypeptide(L)' TVDLKKLRVKELKKILDDWGEMCKGCAEKSDYIRKINELMPKYA B
#
# COMPACT_ATOMS: atom_id res chain seq x y z
N GLY A 1 -2.03 -11.93 25.27
CA GLY A 1 -2.96 -11.11 24.45
C GLY A 1 -2.31 -10.54 23.21
N THR A 2 -2.90 -10.82 22.04
CA THR A 2 -2.32 -10.44 20.75
C THR A 2 -3.39 -9.93 19.76
N VAL A 3 -3.18 -8.75 19.19
CA VAL A 3 -4.04 -8.20 18.13
C VAL A 3 -3.14 -7.80 16.96
N VAL A 4 -3.75 -7.55 15.80
CA VAL A 4 -2.98 -7.26 14.59
C VAL A 4 -3.45 -6.01 13.85
N GLY A 5 -2.49 -5.37 13.18
CA GLY A 5 -2.76 -4.31 12.22
C GLY A 5 -2.32 -4.79 10.87
N ILE A 6 -3.16 -4.63 9.86
CA ILE A 6 -2.84 -5.09 8.52
C ILE A 6 -2.99 -3.94 7.53
N ASP A 7 -1.90 -3.68 6.82
CA ASP A 7 -1.89 -2.83 5.65
C ASP A 7 -2.26 -3.72 4.46
N LEU A 8 -3.48 -3.55 3.96
CA LEU A 8 -3.95 -4.26 2.78
C LEU A 8 -3.69 -3.37 1.58
N GLY A 9 -2.51 -3.53 0.97
CA GLY A 9 -2.06 -2.64 -0.09
C GLY A 9 -2.47 -3.08 -1.47
N THR A 10 -2.45 -2.14 -2.40
CA THR A 10 -2.74 -2.45 -3.80
C THR A 10 -1.82 -3.54 -4.35
N THR A 11 -0.51 -3.36 -4.15
CA THR A 11 0.53 -4.26 -4.61
C THR A 11 1.09 -5.17 -3.51
N TYR A 12 1.33 -4.60 -2.33
CA TYR A 12 1.97 -5.30 -1.22
C TYR A 12 1.17 -5.09 0.05
N SER A 13 1.12 -6.12 0.88
CA SER A 13 0.49 -6.05 2.19
C SER A 13 1.49 -6.36 3.30
N CYS A 14 1.16 -5.93 4.52
CA CYS A 14 2.07 -6.04 5.66
C CYS A 14 1.27 -6.25 6.94
N VAL A 15 1.78 -7.09 7.85
CA VAL A 15 1.11 -7.35 9.12
C VAL A 15 2.02 -7.07 10.31
N GLY A 16 1.49 -6.32 11.27
CA GLY A 16 2.14 -6.07 12.54
C GLY A 16 1.30 -6.67 13.64
N VAL A 17 1.98 -7.22 14.65
CA VAL A 17 1.34 -7.75 15.83
C VAL A 17 1.61 -6.77 16.98
N PHE A 18 0.56 -6.45 17.74
CA PHE A 18 0.70 -5.67 18.96
C PHE A 18 0.59 -6.62 20.15
N LYS A 19 1.65 -6.65 20.95
CA LYS A 19 1.82 -7.63 22.00
C LYS A 19 2.77 -7.03 23.02
N ASN A 20 2.46 -7.18 24.31
CA ASN A 20 3.29 -6.63 25.38
C ASN A 20 3.58 -5.14 25.18
N GLY A 21 2.59 -4.39 24.71
CA GLY A 21 2.71 -2.95 24.55
C GLY A 21 3.58 -2.44 23.40
N ARG A 22 3.93 -3.31 22.46
CA ARG A 22 4.75 -2.91 21.31
C ARG A 22 4.38 -3.67 20.05
N VAL A 23 4.81 -3.12 18.91
CA VAL A 23 4.54 -3.69 17.59
C VAL A 23 5.72 -4.50 17.08
N GLU A 24 5.42 -5.68 16.53
CA GLU A 24 6.38 -6.48 15.80
C GLU A 24 5.82 -6.72 14.40
N ILE A 25 6.57 -6.30 13.39
CA ILE A 25 6.23 -6.59 11.99
C ILE A 25 6.69 -8.02 11.69
N ILE A 26 5.82 -8.82 11.06
CA ILE A 26 6.07 -10.25 10.90
C ILE A 26 6.53 -10.57 9.48
N ALA A 27 7.57 -11.41 9.38
CA ALA A 27 8.05 -11.91 8.10
C ALA A 27 7.24 -13.13 7.65
N ASN A 28 7.07 -13.28 6.34
CA ASN A 28 6.31 -14.39 5.78
C ASN A 28 7.22 -15.62 5.57
N ASP A 29 6.66 -16.66 4.96
CA ASP A 29 7.37 -17.91 4.65
C ASP A 29 8.68 -17.75 3.84
N GLN A 30 8.77 -16.69 3.05
CA GLN A 30 9.98 -16.36 2.27
C GLN A 30 10.93 -15.39 2.97
N GLY A 31 10.67 -15.07 4.24
CA GLY A 31 11.49 -14.12 4.98
C GLY A 31 11.23 -12.66 4.66
N ASN A 32 10.09 -12.35 4.01
CA ASN A 32 9.77 -11.00 3.54
C ASN A 32 8.73 -10.38 4.47
N ARG A 33 8.98 -9.16 4.92
CA ARG A 33 8.08 -8.45 5.81
C ARG A 33 6.94 -7.74 5.08
N ILE A 34 6.96 -7.80 3.75
CA ILE A 34 5.80 -7.46 2.92
C ILE A 34 5.48 -8.61 1.99
N THR A 35 4.18 -8.78 1.71
CA THR A 35 3.67 -9.90 0.95
C THR A 35 2.87 -9.35 -0.23
N PRO A 36 3.14 -9.83 -1.46
CA PRO A 36 2.35 -9.33 -2.58
C PRO A 36 0.85 -9.62 -2.46
N SER A 37 0.02 -8.65 -2.84
CA SER A 37 -1.43 -8.78 -2.82
C SER A 37 -1.89 -9.48 -4.10
N TYR A 38 -1.38 -10.69 -4.28
CA TYR A 38 -1.51 -11.49 -5.48
C TYR A 38 -2.13 -12.83 -5.11
N VAL A 39 -3.03 -13.32 -5.97
CA VAL A 39 -3.70 -14.60 -5.78
C VAL A 39 -3.75 -15.38 -7.09
N ALA A 40 -3.32 -16.64 -7.05
CA ALA A 40 -3.50 -17.58 -8.15
C ALA A 40 -4.08 -18.87 -7.59
N PHE A 41 -4.52 -19.75 -8.49
CA PHE A 41 -5.12 -21.01 -8.08
C PHE A 41 -4.44 -22.15 -8.79
N THR A 42 -4.23 -23.24 -8.07
CA THR A 42 -3.69 -24.45 -8.68
C THR A 42 -4.81 -25.13 -9.48
N PRO A 43 -4.45 -26.08 -10.38
CA PRO A 43 -5.50 -26.82 -11.10
C PRO A 43 -6.45 -27.60 -10.21
N GLU A 44 -5.99 -27.94 -9.01
CA GLU A 44 -6.80 -28.65 -8.03
C GLU A 44 -7.63 -27.68 -7.18
N GLY A 45 -7.52 -26.38 -7.43
CA GLY A 45 -8.33 -25.36 -6.78
C GLY A 45 -7.76 -24.84 -5.48
N GLU A 46 -6.47 -25.10 -5.22
CA GLU A 46 -5.83 -24.59 -4.02
C GLU A 46 -5.35 -23.16 -4.25
N ARG A 47 -5.38 -22.36 -3.18
CA ARG A 47 -5.06 -20.94 -3.27
C ARG A 47 -3.58 -20.71 -3.07
N LEU A 48 -2.97 -20.01 -4.02
CA LEU A 48 -1.58 -19.55 -3.94
C LEU A 48 -1.63 -18.05 -3.69
N ILE A 49 -1.27 -17.63 -2.47
CA ILE A 49 -1.44 -16.24 -2.09
C ILE A 49 -0.07 -15.66 -1.74
N GLY A 50 0.24 -14.52 -2.34
CA GLY A 50 1.48 -13.81 -2.06
C GLY A 50 2.59 -14.08 -3.05
N ASP A 51 3.79 -14.36 -2.53
CA ASP A 51 4.98 -14.47 -3.34
C ASP A 51 4.87 -15.53 -4.45
N ALA A 52 4.32 -16.70 -4.11
CA ALA A 52 4.23 -17.79 -5.09
C ALA A 52 3.44 -17.37 -6.34
N ALA A 53 2.37 -16.59 -6.14
CA ALA A 53 1.55 -16.11 -7.25
C ALA A 53 2.26 -15.04 -8.06
N LYS A 54 2.80 -14.03 -7.38
CA LYS A 54 3.52 -12.96 -8.04
C LYS A 54 4.68 -13.51 -8.87
N ASN A 55 5.37 -14.47 -8.29
CA ASN A 55 6.55 -15.08 -8.91
C ASN A 55 6.28 -15.98 -10.11
N GLN A 56 5.01 -16.28 -10.41
CA GLN A 56 4.65 -17.00 -11.63
C GLN A 56 3.84 -16.16 -12.63
N LEU A 57 3.80 -14.83 -12.45
CA LEU A 57 2.95 -13.99 -13.29
C LEU A 57 3.17 -14.15 -14.78
N THR A 58 4.43 -14.15 -15.23
CA THR A 58 4.68 -14.19 -16.68
C THR A 58 4.25 -15.51 -17.33
N SER A 59 4.25 -16.60 -16.57
CA SER A 59 3.81 -17.90 -17.09
C SER A 59 2.32 -18.13 -16.97
N ASN A 60 1.67 -17.37 -16.09
CA ASN A 60 0.22 -17.46 -15.94
C ASN A 60 -0.35 -16.04 -16.03
N PRO A 61 -0.12 -15.37 -17.17
CA PRO A 61 -0.36 -13.92 -17.26
C PRO A 61 -1.81 -13.48 -17.19
N GLU A 62 -2.75 -14.36 -17.49
CA GLU A 62 -4.16 -14.01 -17.53
C GLU A 62 -4.99 -14.57 -16.38
N ASN A 63 -4.40 -15.41 -15.54
CA ASN A 63 -5.14 -16.00 -14.43
C ASN A 63 -4.48 -15.77 -13.08
N THR A 64 -3.66 -14.73 -12.99
CA THR A 64 -3.03 -14.33 -11.73
C THR A 64 -3.73 -13.03 -11.34
N VAL A 65 -4.40 -13.07 -10.21
CA VAL A 65 -5.19 -11.92 -9.75
C VAL A 65 -4.30 -11.01 -8.92
N PHE A 66 -4.37 -9.72 -9.22
CA PHE A 66 -3.66 -8.69 -8.47
C PHE A 66 -4.43 -7.39 -8.66
N ASP A 67 -4.07 -6.36 -7.91
CA ASP A 67 -4.72 -5.04 -8.01
C ASP A 67 -6.24 -5.06 -7.78
N ALA A 68 -6.73 -6.04 -7.02
CA ALA A 68 -8.16 -6.14 -6.69
C ALA A 68 -8.62 -4.89 -5.92
N LYS A 69 -7.72 -4.26 -5.17
CA LYS A 69 -8.01 -3.03 -4.44
C LYS A 69 -8.45 -1.87 -5.35
N ARG A 70 -8.02 -1.89 -6.62
CA ARG A 70 -8.48 -0.88 -7.58
C ARG A 70 -9.97 -0.96 -7.83
N LEU A 71 -10.53 -2.17 -7.72
CA LEU A 71 -11.95 -2.44 -8.00
C LEU A 71 -12.83 -2.50 -6.76
N ILE A 72 -12.22 -2.74 -5.59
CA ILE A 72 -12.98 -3.11 -4.42
C ILE A 72 -13.98 -2.01 -4.03
N GLY A 73 -15.22 -2.41 -3.81
CA GLY A 73 -16.25 -1.48 -3.38
C GLY A 73 -16.79 -0.56 -4.45
N ARG A 74 -16.39 -0.77 -5.72
CA ARG A 74 -16.80 0.11 -6.82
C ARG A 74 -17.86 -0.52 -7.70
N THR A 75 -18.51 0.32 -8.49
CA THR A 75 -19.51 -0.10 -9.46
C THR A 75 -18.85 -0.28 -10.82
N TRP A 76 -19.51 -1.05 -11.68
CA TRP A 76 -18.97 -1.40 -13.01
C TRP A 76 -18.65 -0.21 -13.92
N ASN A 77 -19.58 0.73 -14.03
CA ASN A 77 -19.42 1.87 -14.95
C ASN A 77 -18.79 3.08 -14.27
N ASP A 78 -18.26 2.90 -13.05
CA ASP A 78 -17.34 3.88 -12.46
C ASP A 78 -16.23 4.11 -13.49
N PRO A 79 -16.00 5.36 -13.93
CA PRO A 79 -14.91 5.59 -14.90
C PRO A 79 -13.53 5.08 -14.45
N SER A 80 -13.27 5.06 -13.13
CA SER A 80 -12.06 4.44 -12.60
C SER A 80 -11.94 2.97 -12.96
N VAL A 81 -13.05 2.25 -12.82
CA VAL A 81 -13.08 0.82 -13.11
C VAL A 81 -12.89 0.59 -14.61
N GLN A 82 -13.61 1.38 -15.40
CA GLN A 82 -13.52 1.25 -16.85
C GLN A 82 -12.12 1.56 -17.38
N GLN A 83 -11.38 2.47 -16.76
CA GLN A 83 -10.00 2.69 -17.16
C GLN A 83 -9.08 1.57 -16.69
N ASP A 84 -9.28 1.11 -15.45
CA ASP A 84 -8.40 0.08 -14.89
C ASP A 84 -8.53 -1.26 -15.59
N ILE A 85 -9.74 -1.63 -15.99
CA ILE A 85 -9.91 -2.91 -16.70
C ILE A 85 -9.17 -2.95 -18.04
N LYS A 86 -8.85 -1.79 -18.63
CA LYS A 86 -7.98 -1.73 -19.81
C LYS A 86 -6.57 -2.26 -19.54
N PHE A 87 -6.08 -2.05 -18.32
CA PHE A 87 -4.72 -2.44 -17.94
C PHE A 87 -4.61 -3.82 -17.27
N LEU A 88 -5.71 -4.35 -16.72
CA LEU A 88 -5.67 -5.63 -15.99
C LEU A 88 -5.70 -6.79 -16.98
N PRO A 89 -4.74 -7.74 -16.88
CA PRO A 89 -4.66 -8.82 -17.87
C PRO A 89 -5.66 -9.97 -17.65
N PHE A 90 -6.21 -10.07 -16.43
CA PHE A 90 -7.22 -11.09 -16.11
C PHE A 90 -8.61 -10.57 -16.46
N LYS A 91 -9.58 -11.49 -16.56
CA LYS A 91 -10.94 -11.11 -16.99
C LYS A 91 -11.71 -10.44 -15.86
N VAL A 92 -12.27 -9.28 -16.16
CA VAL A 92 -13.19 -8.60 -15.25
C VAL A 92 -14.51 -8.43 -16.00
N VAL A 93 -15.59 -8.89 -15.37
CA VAL A 93 -16.92 -8.92 -15.99
C VAL A 93 -17.94 -8.25 -15.08
N GLU A 94 -19.03 -7.82 -15.70
CA GLU A 94 -20.12 -7.15 -15.02
C GLU A 94 -21.16 -8.16 -14.60
N LYS A 95 -21.60 -8.08 -13.35
CA LYS A 95 -22.84 -8.70 -12.92
C LYS A 95 -23.63 -7.68 -12.11
N LYS A 96 -24.81 -7.30 -12.60
CA LYS A 96 -25.73 -6.39 -11.90
C LYS A 96 -25.04 -5.10 -11.41
N THR A 97 -24.38 -4.46 -12.37
CA THR A 97 -23.65 -3.20 -12.17
C THR A 97 -22.40 -3.29 -11.27
N LYS A 98 -21.88 -4.50 -11.03
CA LYS A 98 -20.69 -4.68 -10.18
C LYS A 98 -19.60 -5.48 -10.90
N PRO A 99 -18.33 -5.18 -10.61
CA PRO A 99 -17.21 -5.91 -11.23
C PRO A 99 -16.91 -7.24 -10.52
N TYR A 100 -16.65 -8.28 -11.32
CA TYR A 100 -16.26 -9.60 -10.82
C TYR A 100 -15.04 -10.06 -11.60
N ILE A 101 -14.18 -10.78 -10.90
CA ILE A 101 -12.91 -11.25 -11.43
C ILE A 101 -13.10 -12.73 -11.75
N GLN A 102 -12.74 -13.12 -12.97
CA GLN A 102 -12.91 -14.47 -13.45
C GLN A 102 -11.56 -15.05 -13.86
N VAL A 103 -11.26 -16.27 -13.39
CA VAL A 103 -10.03 -16.96 -13.76
C VAL A 103 -10.30 -18.41 -14.17
N ASP A 104 -9.46 -18.87 -15.10
CA ASP A 104 -9.45 -20.24 -15.58
C ASP A 104 -8.38 -20.93 -14.77
N ILE A 105 -8.75 -21.98 -14.05
CA ILE A 105 -7.79 -22.73 -13.24
C ILE A 105 -7.32 -24.01 -13.92
N GLY A 106 -7.94 -24.39 -15.05
CA GLY A 106 -7.63 -25.61 -15.81
C GLY A 106 -8.75 -26.65 -15.87
N GLY A 107 -8.74 -27.48 -16.91
CA GLY A 107 -9.65 -28.63 -17.01
C GLY A 107 -11.14 -28.30 -17.09
N GLY A 108 -11.48 -27.19 -17.74
CA GLY A 108 -12.86 -26.73 -17.85
C GLY A 108 -13.42 -26.07 -16.60
N GLN A 109 -12.54 -25.59 -15.71
CA GLN A 109 -12.96 -24.97 -14.46
C GLN A 109 -12.68 -23.47 -14.45
N THR A 110 -13.74 -22.69 -14.25
CA THR A 110 -13.66 -21.24 -14.13
C THR A 110 -14.20 -20.87 -12.75
N LYS A 111 -13.50 -19.99 -12.06
CA LYS A 111 -13.93 -19.48 -10.76
C LYS A 111 -14.15 -17.97 -10.90
N THR A 112 -15.21 -17.47 -10.26
CA THR A 112 -15.56 -16.06 -10.32
C THR A 112 -15.66 -15.50 -8.90
N PHE A 113 -15.06 -14.31 -8.67
CA PHE A 113 -14.95 -13.73 -7.34
C PHE A 113 -15.27 -12.25 -7.35
N ALA A 114 -15.96 -11.79 -6.32
CA ALA A 114 -16.02 -10.37 -6.03
C ALA A 114 -14.62 -9.95 -5.57
N PRO A 115 -14.24 -8.69 -5.81
CA PRO A 115 -12.96 -8.21 -5.28
C PRO A 115 -12.78 -8.47 -3.77
N GLU A 116 -13.86 -8.33 -3.00
CA GLU A 116 -13.88 -8.63 -1.54
C GLU A 116 -13.33 -10.02 -1.24
N GLU A 117 -13.71 -11.00 -2.06
CA GLU A 117 -13.31 -12.37 -1.87
C GLU A 117 -11.82 -12.57 -2.16
N ILE A 118 -11.28 -11.87 -3.15
CA ILE A 118 -9.85 -11.89 -3.42
C ILE A 118 -9.09 -11.23 -2.26
N SER A 119 -9.53 -10.03 -1.87
CA SER A 119 -8.90 -9.35 -0.73
C SER A 119 -9.01 -10.16 0.58
N ALA A 120 -10.11 -10.91 0.77
CA ALA A 120 -10.22 -11.80 1.91
C ALA A 120 -9.11 -12.87 1.92
N MET A 121 -8.76 -13.37 0.74
CA MET A 121 -7.68 -14.34 0.61
C MET A 121 -6.34 -13.73 1.00
N VAL A 122 -6.10 -12.49 0.57
CA VAL A 122 -4.88 -11.76 0.93
C VAL A 122 -4.84 -11.55 2.46
N LEU A 123 -5.95 -11.09 3.04
CA LEU A 123 -6.04 -10.94 4.50
C LEU A 123 -5.84 -12.25 5.26
N THR A 124 -6.37 -13.34 4.72
CA THR A 124 -6.17 -14.67 5.31
C THR A 124 -4.68 -15.04 5.35
N LYS A 125 -3.99 -14.81 4.24
CA LYS A 125 -2.54 -15.02 4.18
C LYS A 125 -1.79 -14.18 5.23
N MET A 126 -2.19 -12.93 5.40
CA MET A 126 -1.55 -12.07 6.40
C MET A 126 -1.84 -12.57 7.82
N LYS A 127 -3.09 -12.95 8.07
CA LYS A 127 -3.50 -13.55 9.34
C LYS A 127 -2.64 -14.78 9.63
N GLU A 128 -2.56 -15.69 8.66
CA GLU A 128 -1.78 -16.93 8.81
C GLU A 128 -0.27 -16.70 8.94
N THR A 129 0.23 -15.63 8.34
CA THR A 129 1.64 -15.24 8.52
C THR A 129 1.94 -14.92 9.98
N ALA A 130 1.09 -14.11 10.59
CA ALA A 130 1.22 -13.78 12.01
C ALA A 130 1.09 -15.03 12.89
N GLU A 131 0.09 -15.86 12.58
CA GLU A 131 -0.17 -17.10 13.33
C GLU A 131 0.96 -18.12 13.27
N ALA A 132 1.59 -18.24 12.11
CA ALA A 132 2.74 -19.16 11.93
C ALA A 132 3.92 -18.72 12.78
N TYR A 133 4.16 -17.43 12.84
CA TYR A 133 5.23 -16.88 13.67
C TYR A 133 4.96 -17.08 15.16
N LEU A 134 3.78 -16.67 15.61
CA LEU A 134 3.44 -16.69 17.03
C LEU A 134 3.07 -18.08 17.57
N GLY A 135 2.64 -18.99 16.69
CA GLY A 135 2.16 -20.30 17.11
C GLY A 135 0.83 -20.26 17.83
N LYS A 136 0.00 -19.26 17.52
CA LYS A 136 -1.35 -19.16 18.07
C LYS A 136 -2.21 -18.38 17.11
N LYS A 137 -3.53 -18.54 17.25
CA LYS A 137 -4.49 -17.88 16.39
C LYS A 137 -4.55 -16.38 16.68
N VAL A 138 -4.79 -15.59 15.65
CA VAL A 138 -5.02 -14.16 15.78
C VAL A 138 -6.39 -13.87 15.16
N THR A 139 -7.09 -12.91 15.75
CA THR A 139 -8.49 -12.66 15.42
C THR A 139 -8.81 -11.18 15.28
N HIS A 140 -8.39 -10.37 16.24
CA HIS A 140 -8.81 -8.98 16.32
C HIS A 140 -7.84 -8.07 15.59
N ALA A 141 -8.37 -7.29 14.65
CA ALA A 141 -7.58 -6.55 13.69
C ALA A 141 -8.06 -5.13 13.48
N VAL A 142 -7.11 -4.26 13.16
CA VAL A 142 -7.36 -3.01 12.46
C VAL A 142 -6.84 -3.21 11.02
N VAL A 143 -7.64 -2.82 10.04
CA VAL A 143 -7.25 -2.85 8.64
C VAL A 143 -7.32 -1.42 8.12
N THR A 144 -6.33 -1.03 7.32
CA THR A 144 -6.24 0.31 6.80
C THR A 144 -6.78 0.38 5.36
N VAL A 145 -7.21 1.58 4.98
CA VAL A 145 -7.68 1.88 3.63
C VAL A 145 -7.17 3.27 3.20
N PRO A 146 -7.14 3.53 1.88
CA PRO A 146 -6.79 4.89 1.44
C PRO A 146 -7.75 5.94 2.00
N ALA A 147 -7.23 7.13 2.27
CA ALA A 147 -8.01 8.19 2.89
C ALA A 147 -9.22 8.61 2.05
N TYR A 148 -9.12 8.44 0.73
CA TYR A 148 -10.22 8.79 -0.20
C TYR A 148 -11.34 7.74 -0.26
N PHE A 149 -11.13 6.56 0.32
CA PHE A 149 -12.17 5.50 0.32
C PHE A 149 -13.49 5.99 0.92
N ASN A 150 -14.57 5.64 0.25
CA ASN A 150 -15.94 5.98 0.71
C ASN A 150 -16.51 4.87 1.60
N ASP A 151 -17.77 5.03 2.03
CA ASP A 151 -18.38 4.08 2.95
C ASP A 151 -18.50 2.68 2.35
N ALA A 152 -18.80 2.60 1.05
CA ALA A 152 -18.96 1.31 0.35
C ALA A 152 -17.63 0.56 0.25
N GLN A 153 -16.56 1.29 -0.01
CA GLN A 153 -15.21 0.69 -0.10
C GLN A 153 -14.69 0.28 1.28
N ARG A 154 -15.00 1.10 2.29
CA ARG A 154 -14.68 0.75 3.67
C ARG A 154 -15.45 -0.52 4.11
N GLN A 155 -16.73 -0.58 3.77
CA GLN A 155 -17.54 -1.76 4.07
C GLN A 155 -17.01 -2.98 3.34
N ALA A 156 -16.63 -2.81 2.08
CA ALA A 156 -16.10 -3.93 1.30
C ALA A 156 -14.82 -4.50 1.92
N THR A 157 -13.99 -3.60 2.45
CA THR A 157 -12.74 -3.98 3.06
C THR A 157 -13.03 -4.70 4.40
N LYS A 158 -13.96 -4.17 5.17
CA LYS A 158 -14.39 -4.85 6.39
C LYS A 158 -14.94 -6.25 6.07
N ASP A 159 -15.75 -6.35 5.01
CA ASP A 159 -16.34 -7.63 4.60
C ASP A 159 -15.25 -8.63 4.24
N ALA A 160 -14.21 -8.17 3.55
CA ALA A 160 -13.04 -9.01 3.25
C ALA A 160 -12.43 -9.57 4.54
N GLY A 161 -12.29 -8.70 5.54
CA GLY A 161 -11.80 -9.12 6.86
C GLY A 161 -12.69 -10.17 7.51
N THR A 162 -14.00 -9.93 7.47
CA THR A 162 -14.97 -10.84 8.04
C THR A 162 -14.90 -12.24 7.37
N ILE A 163 -14.82 -12.25 6.06
CA ILE A 163 -14.63 -13.49 5.30
C ILE A 163 -13.36 -14.22 5.76
N ALA A 164 -12.29 -13.46 6.00
CA ALA A 164 -11.00 -14.03 6.45
C ALA A 164 -10.99 -14.50 7.92
N GLY A 165 -12.12 -14.41 8.62
CA GLY A 165 -12.20 -14.80 10.01
C GLY A 165 -11.68 -13.77 11.00
N LEU A 166 -11.45 -12.54 10.54
CA LEU A 166 -10.99 -11.49 11.45
C LEU A 166 -12.18 -10.77 12.07
N ASN A 167 -11.99 -10.31 13.31
CA ASN A 167 -12.86 -9.30 13.90
C ASN A 167 -12.22 -7.97 13.56
N VAL A 168 -12.80 -7.26 12.59
CA VAL A 168 -12.26 -5.97 12.19
C VAL A 168 -12.81 -4.95 13.18
N MET A 169 -11.96 -4.56 14.12
CA MET A 169 -12.35 -3.60 15.16
C MET A 169 -12.60 -2.22 14.58
N ARG A 170 -11.78 -1.83 13.61
CA ARG A 170 -11.89 -0.53 12.96
C ARG A 170 -11.20 -0.54 11.60
N ILE A 171 -11.77 0.21 10.67
CA ILE A 171 -11.09 0.59 9.43
C ILE A 171 -10.56 2.00 9.65
N ILE A 172 -9.26 2.20 9.44
CA ILE A 172 -8.65 3.53 9.61
C ILE A 172 -7.88 3.91 8.35
N ASN A 173 -7.56 5.19 8.22
CA ASN A 173 -6.93 5.70 7.02
C ASN A 173 -5.43 5.42 7.02
N GLU A 174 -4.94 4.97 5.87
CA GLU A 174 -3.51 4.70 5.66
C GLU A 174 -2.56 5.85 6.07
N PRO A 175 -2.79 7.09 5.58
CA PRO A 175 -1.86 8.17 5.97
C PRO A 175 -1.86 8.49 7.47
N THR A 176 -3.01 8.29 8.12
CA THR A 176 -3.14 8.49 9.55
C THR A 176 -2.36 7.41 10.30
N ALA A 177 -2.53 6.16 9.89
CA ALA A 177 -1.73 5.06 10.43
C ALA A 177 -0.22 5.34 10.30
N ALA A 178 0.21 5.78 9.12
CA ALA A 178 1.62 6.10 8.88
C ALA A 178 2.10 7.23 9.81
N ALA A 179 1.30 8.29 9.92
CA ALA A 179 1.62 9.41 10.82
C ALA A 179 1.80 8.94 12.26
N ILE A 180 0.93 8.04 12.71
CA ILE A 180 1.03 7.44 14.05
C ILE A 180 2.32 6.63 14.20
N ALA A 181 2.65 5.81 13.20
CA ALA A 181 3.87 5.00 13.24
C ALA A 181 5.12 5.86 13.43
N TYR A 182 5.17 7.00 12.74
CA TYR A 182 6.32 7.92 12.81
C TYR A 182 6.30 8.82 14.04
N GLY A 183 5.27 8.71 14.88
CA GLY A 183 5.19 9.42 16.15
C GLY A 183 4.56 10.79 16.10
N LEU A 184 3.88 11.12 15.00
CA LEU A 184 3.32 12.47 14.83
C LEU A 184 2.12 12.73 15.74
N ASP A 185 1.50 11.68 16.27
CA ASP A 185 0.43 11.84 17.25
C ASP A 185 0.88 12.49 18.57
N LYS A 186 2.19 12.55 18.83
CA LYS A 186 2.73 13.27 20.00
C LYS A 186 2.93 14.78 19.77
N ARG A 187 2.83 15.24 18.52
CA ARG A 187 2.99 16.66 18.23
C ARG A 187 1.91 17.47 18.92
N GLU A 188 2.29 18.60 19.50
CA GLU A 188 1.36 19.54 20.10
C GLU A 188 1.11 20.68 19.12
N GLY A 189 0.03 21.42 19.36
CA GLY A 189 -0.35 22.56 18.52
C GLY A 189 -1.07 22.14 17.25
N GLU A 190 -1.18 23.10 16.32
CA GLU A 190 -1.84 22.90 15.04
C GLU A 190 -0.77 22.78 13.95
N LYS A 191 -0.68 21.62 13.31
CA LYS A 191 0.35 21.41 12.28
C LYS A 191 -0.26 20.78 11.03
N ASN A 192 0.40 21.04 9.90
CA ASN A 192 0.02 20.50 8.61
C ASN A 192 1.03 19.43 8.20
N ILE A 193 0.51 18.28 7.77
CA ILE A 193 1.32 17.09 7.48
C ILE A 193 1.08 16.69 6.03
N LEU A 194 2.17 16.53 5.27
CA LEU A 194 2.08 15.99 3.91
C LEU A 194 2.54 14.53 3.94
N VAL A 195 1.66 13.62 3.55
CA VAL A 195 2.00 12.20 3.47
C VAL A 195 2.17 11.85 2.00
N PHE A 196 3.36 11.38 1.67
CA PHE A 196 3.83 11.12 0.31
C PHE A 196 4.01 9.60 0.26
N ASP A 197 3.05 8.91 -0.37
CA ASP A 197 2.97 7.46 -0.35
C ASP A 197 3.15 6.88 -1.74
N LEU A 198 4.37 6.42 -2.02
CA LEU A 198 4.68 5.87 -3.32
C LEU A 198 4.76 4.36 -3.18
N GLY A 199 3.65 3.68 -3.53
CA GLY A 199 3.56 2.23 -3.43
C GLY A 199 4.13 1.55 -4.67
N GLY A 200 3.96 0.23 -4.76
CA GLY A 200 4.40 -0.52 -5.92
C GLY A 200 3.70 -0.15 -7.21
N GLY A 201 2.42 0.19 -7.13
CA GLY A 201 1.62 0.51 -8.32
C GLY A 201 0.87 1.82 -8.32
N THR A 202 0.83 2.50 -7.17
CA THR A 202 0.05 3.72 -6.99
C THR A 202 0.85 4.75 -6.20
N PHE A 203 0.47 6.00 -6.37
CA PHE A 203 1.06 7.13 -5.68
C PHE A 203 -0.06 7.96 -5.07
N ASP A 204 -0.06 8.07 -3.75
CA ASP A 204 -1.07 8.84 -3.00
C ASP A 204 -0.38 9.92 -2.20
N VAL A 205 -0.89 11.14 -2.32
CA VAL A 205 -0.49 12.25 -1.45
C VAL A 205 -1.71 12.66 -0.65
N SER A 206 -1.53 12.83 0.65
CA SER A 206 -2.60 13.24 1.55
C SER A 206 -2.11 14.41 2.37
N LEU A 207 -2.97 15.42 2.51
CA LEU A 207 -2.70 16.51 3.42
C LEU A 207 -3.52 16.27 4.67
N LEU A 208 -2.83 16.08 5.78
CA LEU A 208 -3.45 15.89 7.08
C LEU A 208 -3.16 17.09 7.96
N THR A 209 -4.09 17.44 8.82
CA THR A 209 -3.79 18.38 9.91
C THR A 209 -3.73 17.58 11.19
N ILE A 210 -3.01 18.12 12.16
CA ILE A 210 -3.03 17.63 13.52
C ILE A 210 -3.42 18.82 14.41
N ASP A 211 -4.31 18.57 15.35
CA ASP A 211 -4.77 19.57 16.31
C ASP A 211 -4.91 18.86 17.65
N ASN A 212 -4.07 19.24 18.61
CA ASN A 212 -4.06 18.59 19.94
C ASN A 212 -3.99 17.05 19.81
N GLY A 213 -3.06 16.58 18.98
CA GLY A 213 -2.84 15.16 18.77
C GLY A 213 -3.87 14.39 17.96
N VAL A 214 -4.81 15.09 17.31
CA VAL A 214 -5.89 14.43 16.56
C VAL A 214 -5.86 14.86 15.09
N PHE A 215 -5.96 13.89 14.18
CA PHE A 215 -5.75 14.13 12.75
C PHE A 215 -7.04 14.46 12.01
N GLU A 216 -6.90 15.12 10.86
CA GLU A 216 -8.01 15.30 9.93
C GLU A 216 -7.43 15.27 8.52
N VAL A 217 -8.07 14.50 7.64
CA VAL A 217 -7.72 14.47 6.23
C VAL A 217 -8.41 15.67 5.59
N VAL A 218 -7.61 16.60 5.06
CA VAL A 218 -8.11 17.80 4.41
C VAL A 218 -8.26 17.61 2.90
N ALA A 219 -7.29 16.97 2.28
CA ALA A 219 -7.30 16.76 0.82
C ALA A 219 -6.41 15.59 0.44
N THR A 220 -6.68 15.03 -0.74
CA THR A 220 -5.92 13.92 -1.28
C THR A 220 -5.74 14.12 -2.78
N ASN A 221 -4.64 13.59 -3.30
CA ASN A 221 -4.35 13.58 -4.74
C ASN A 221 -3.34 12.45 -4.99
N GLY A 222 -2.79 12.42 -6.19
CA GLY A 222 -1.79 11.42 -6.52
C GLY A 222 -1.90 11.04 -7.97
N ASP A 223 -1.39 9.86 -8.28
CA ASP A 223 -1.38 9.31 -9.61
C ASP A 223 -1.63 7.82 -9.42
N THR A 224 -2.80 7.37 -9.86
CA THR A 224 -3.23 6.00 -9.63
C THR A 224 -2.41 4.96 -10.39
N HIS A 225 -1.66 5.36 -11.42
CA HIS A 225 -0.83 4.44 -12.20
C HIS A 225 0.64 4.86 -12.24
N LEU A 226 1.14 5.30 -11.08
CA LEU A 226 2.57 5.57 -10.90
C LEU A 226 2.99 4.81 -9.66
N GLY A 227 3.98 3.95 -9.78
CA GLY A 227 4.48 3.21 -8.63
C GLY A 227 5.86 2.65 -8.84
N GLY A 228 6.40 2.06 -7.78
CA GLY A 228 7.74 1.45 -7.80
C GLY A 228 7.97 0.45 -8.91
N GLU A 229 6.92 -0.30 -9.27
CA GLU A 229 6.98 -1.24 -10.39
C GLU A 229 7.31 -0.58 -11.71
N ASP A 230 6.89 0.67 -11.90
CA ASP A 230 7.21 1.41 -13.12
C ASP A 230 8.72 1.61 -13.24
N PHE A 231 9.38 1.86 -12.12
CA PHE A 231 10.85 2.02 -12.12
C PHE A 231 11.54 0.70 -12.49
N ASP A 232 11.02 -0.39 -11.92
CA ASP A 232 11.51 -1.74 -12.22
C ASP A 232 11.35 -2.07 -13.69
N GLN A 233 10.19 -1.75 -14.25
CA GLN A 233 9.88 -2.12 -15.63
C GLN A 233 10.71 -1.35 -16.65
N ARG A 234 11.00 -0.08 -16.38
CA ARG A 234 11.92 0.67 -17.22
C ARG A 234 13.34 0.09 -17.24
N VAL A 235 13.81 -0.36 -16.08
CA VAL A 235 15.10 -1.03 -15.97
C VAL A 235 15.05 -2.41 -16.66
N MET A 236 13.97 -3.17 -16.45
CA MET A 236 13.78 -4.43 -17.17
C MET A 236 13.87 -4.22 -18.68
N GLU A 237 13.16 -3.22 -19.19
CA GLU A 237 13.23 -2.88 -20.62
C GLU A 237 14.65 -2.58 -21.10
N HIS A 238 15.38 -1.79 -20.32
CA HIS A 238 16.77 -1.46 -20.60
C HIS A 238 17.62 -2.72 -20.76
N PHE A 239 17.46 -3.64 -19.82
CA PHE A 239 18.21 -4.90 -19.80
C PHE A 239 17.75 -5.90 -20.87
N ILE A 240 16.45 -5.90 -21.20
CA ILE A 240 15.93 -6.71 -22.31
C ILE A 240 16.54 -6.25 -23.65
N LYS A 241 16.66 -4.92 -23.82
CA LYS A 241 17.32 -4.37 -25.01
C LYS A 241 18.81 -4.71 -25.05
N LEU A 242 19.50 -4.56 -23.92
CA LEU A 242 20.93 -4.94 -23.82
C LEU A 242 21.14 -6.43 -24.11
N TYR A 243 20.25 -7.27 -23.59
CA TYR A 243 20.31 -8.71 -23.83
C TYR A 243 20.15 -9.06 -25.32
N LYS A 244 19.20 -8.41 -25.98
CA LYS A 244 18.98 -8.55 -27.42
C LYS A 244 20.24 -8.17 -28.23
N LYS A 245 20.88 -7.07 -27.84
CA LYS A 245 22.11 -6.61 -28.51
C LYS A 245 23.30 -7.56 -28.30
N LYS A 246 23.44 -8.11 -27.09
CA LYS A 246 24.53 -9.03 -26.77
C LYS A 246 24.34 -10.41 -27.42
N THR A 247 23.16 -11.00 -27.26
CA THR A 247 22.89 -12.39 -27.66
C THR A 247 22.18 -12.56 -29.00
N GLY A 248 21.48 -11.51 -29.46
CA GLY A 248 20.56 -11.63 -30.59
C GLY A 248 19.20 -12.24 -30.28
N LYS A 249 18.96 -12.61 -29.02
CA LYS A 249 17.74 -13.34 -28.64
C LYS A 249 16.75 -12.44 -27.89
N ASP A 250 15.46 -12.74 -28.06
CA ASP A 250 14.38 -12.05 -27.38
C ASP A 250 14.12 -12.79 -26.07
N VAL A 251 14.54 -12.20 -24.95
CA VAL A 251 14.35 -12.85 -23.65
C VAL A 251 12.89 -12.99 -23.23
N ARG A 252 12.00 -12.17 -23.80
CA ARG A 252 10.55 -12.28 -23.54
C ARG A 252 9.92 -13.62 -23.97
N LYS A 253 10.57 -14.32 -24.90
CA LYS A 253 10.15 -15.69 -25.25
C LYS A 253 10.42 -16.73 -24.14
N ASP A 254 11.25 -16.36 -23.17
CA ASP A 254 11.53 -17.17 -22.00
C ASP A 254 10.86 -16.51 -20.80
N ASN A 255 9.65 -16.98 -20.50
CA ASN A 255 8.83 -16.35 -19.45
C ASN A 255 9.46 -16.43 -18.08
N ARG A 256 10.07 -17.56 -17.75
CA ARG A 256 10.73 -17.67 -16.43
C ARG A 256 11.96 -16.76 -16.33
N ALA A 257 12.69 -16.57 -17.43
CA ALA A 257 13.83 -15.64 -17.45
C ALA A 257 13.40 -14.20 -17.15
N VAL A 258 12.25 -13.79 -17.71
CA VAL A 258 11.71 -12.44 -17.43
C VAL A 258 11.36 -12.31 -15.96
N GLN A 259 10.77 -13.35 -15.40
CA GLN A 259 10.43 -13.37 -13.97
C GLN A 259 11.70 -13.28 -13.10
N LYS A 260 12.72 -14.05 -13.47
CA LYS A 260 14.01 -14.00 -12.76
C LYS A 260 14.67 -12.63 -12.90
N LEU A 261 14.57 -12.03 -14.09
CA LEU A 261 15.05 -10.65 -14.32
C LEU A 261 14.34 -9.66 -13.41
N ARG A 262 13.02 -9.77 -13.27
CA ARG A 262 12.27 -8.87 -12.39
C ARG A 262 12.84 -8.92 -10.96
N ARG A 263 13.10 -10.11 -10.45
CA ARG A 263 13.72 -10.26 -9.11
C ARG A 263 15.08 -9.55 -9.02
N GLU A 264 15.93 -9.79 -10.01
CA GLU A 264 17.26 -9.15 -10.06
C GLU A 264 17.15 -7.63 -10.09
N VAL A 265 16.19 -7.11 -10.85
CA VAL A 265 15.97 -5.66 -10.92
C VAL A 265 15.47 -5.09 -9.59
N GLU A 266 14.51 -5.78 -8.95
CA GLU A 266 14.02 -5.35 -7.63
C GLU A 266 15.14 -5.33 -6.58
N LYS A 267 16.00 -6.36 -6.63
CA LYS A 267 17.16 -6.45 -5.74
C LYS A 267 18.16 -5.32 -6.02
N ALA A 268 18.40 -5.03 -7.30
CA ALA A 268 19.28 -3.94 -7.71
C ALA A 268 18.74 -2.58 -7.26
N LYS A 269 17.44 -2.34 -7.45
CA LYS A 269 16.81 -1.10 -7.01
C LYS A 269 17.01 -0.88 -5.51
N ARG A 270 16.79 -1.93 -4.71
CA ARG A 270 17.05 -1.86 -3.26
C ARG A 270 18.50 -1.53 -2.96
N ALA A 271 19.43 -2.24 -3.62
CA ALA A 271 20.86 -2.03 -3.43
C ALA A 271 21.32 -0.60 -3.77
N LEU A 272 20.72 -0.03 -4.83
CA LEU A 272 21.10 1.32 -5.28
C LEU A 272 20.60 2.47 -4.38
N SER A 273 19.80 2.15 -3.36
CA SER A 273 19.46 3.13 -2.32
C SER A 273 20.57 3.32 -1.28
N SER A 274 21.47 2.33 -1.17
CA SER A 274 22.66 2.45 -0.30
C SER A 274 24.01 2.37 -1.04
N GLN A 275 24.05 1.70 -2.20
CA GLN A 275 25.26 1.56 -3.03
C GLN A 275 25.11 2.38 -4.31
N HIS A 276 26.21 2.52 -5.04
CA HIS A 276 26.23 3.27 -6.31
C HIS A 276 26.27 2.39 -7.57
N GLN A 277 26.37 1.07 -7.38
CA GLN A 277 26.45 0.12 -8.49
C GLN A 277 25.85 -1.22 -8.04
N ALA A 278 25.17 -1.90 -8.96
CA ALA A 278 24.60 -3.23 -8.67
C ALA A 278 24.66 -4.10 -9.92
N ARG A 279 24.77 -5.41 -9.72
CA ARG A 279 24.83 -6.37 -10.83
C ARG A 279 23.45 -7.00 -11.08
N ILE A 280 23.10 -7.15 -12.36
CA ILE A 280 21.86 -7.80 -12.77
C ILE A 280 22.21 -8.93 -13.73
N GLU A 281 21.72 -10.13 -13.42
CA GLU A 281 21.97 -11.31 -14.23
C GLU A 281 20.70 -11.73 -14.96
N ILE A 282 20.85 -12.27 -16.17
CA ILE A 282 19.75 -12.89 -16.92
C ILE A 282 20.14 -14.33 -17.20
N GLU A 283 19.40 -15.26 -16.59
CA GLU A 283 19.53 -16.70 -16.83
C GLU A 283 18.40 -17.12 -17.74
N SER A 284 18.68 -17.97 -18.74
CA SER A 284 17.62 -18.42 -19.67
C SER A 284 17.79 -19.89 -20.02
N PHE A 285 16.66 -20.57 -20.22
CA PHE A 285 16.66 -21.94 -20.71
C PHE A 285 17.20 -22.08 -22.14
N PHE A 286 17.16 -21.01 -22.91
CA PHE A 286 17.38 -21.06 -24.36
C PHE A 286 18.72 -20.44 -24.81
N GLU A 287 19.58 -20.13 -23.85
CA GLU A 287 20.85 -19.45 -24.11
C GLU A 287 21.89 -20.00 -23.12
N GLY A 288 23.06 -20.39 -23.62
CA GLY A 288 24.12 -20.93 -22.78
C GLY A 288 24.78 -19.90 -21.88
N GLU A 289 25.01 -18.70 -22.41
CA GLU A 289 25.69 -17.63 -21.67
C GLU A 289 24.78 -16.98 -20.62
N ASP A 290 25.20 -17.05 -19.36
CA ASP A 290 24.54 -16.28 -18.30
C ASP A 290 24.93 -14.80 -18.44
N PHE A 291 23.96 -14.00 -18.88
CA PHE A 291 24.15 -12.56 -19.08
C PHE A 291 24.34 -11.89 -17.73
N SER A 292 25.19 -10.85 -17.71
CA SER A 292 25.58 -10.19 -16.47
C SER A 292 26.12 -8.78 -16.75
N GLU A 293 25.43 -7.77 -16.23
CA GLU A 293 25.80 -6.38 -16.45
C GLU A 293 25.54 -5.56 -15.20
N THR A 294 26.28 -4.46 -15.06
CA THR A 294 26.11 -3.55 -13.93
C THR A 294 25.11 -2.45 -14.28
N LEU A 295 24.38 -2.02 -13.26
CA LEU A 295 23.52 -0.84 -13.33
C LEU A 295 24.04 0.11 -12.27
N THR A 296 24.38 1.33 -12.68
CA THR A 296 24.80 2.38 -11.75
C THR A 296 23.57 3.09 -11.22
N ARG A 297 23.70 3.73 -10.06
CA ARG A 297 22.65 4.62 -9.54
C ARG A 297 22.31 5.72 -10.53
N ALA A 298 23.33 6.30 -11.17
CA ALA A 298 23.10 7.37 -12.15
C ALA A 298 22.23 6.90 -13.32
N LYS A 299 22.50 5.71 -13.83
CA LYS A 299 21.70 5.14 -14.92
C LYS A 299 20.28 4.81 -14.48
N PHE A 300 20.14 4.21 -13.30
CA PHE A 300 18.83 3.98 -12.70
C PHE A 300 18.03 5.30 -12.62
N GLU A 301 18.70 6.36 -12.16
CA GLU A 301 18.08 7.68 -12.08
C GLU A 301 17.69 8.24 -13.44
N GLU A 302 18.61 8.17 -14.40
CA GLU A 302 18.34 8.61 -15.78
C GLU A 302 17.14 7.89 -16.41
N LEU A 303 17.07 6.57 -16.23
CA LEU A 303 15.95 5.80 -16.81
C LEU A 303 14.60 6.23 -16.27
N ASN A 304 14.57 6.75 -15.04
CA ASN A 304 13.33 7.03 -14.32
C ASN A 304 13.06 8.49 -13.98
N MET A 305 13.93 9.40 -14.42
CA MET A 305 13.89 10.78 -13.91
C MET A 305 12.56 11.48 -14.14
N ASP A 306 11.99 11.33 -15.34
CA ASP A 306 10.68 11.94 -15.61
C ASP A 306 9.58 11.44 -14.66
N LEU A 307 9.60 10.15 -14.31
CA LEU A 307 8.65 9.59 -13.35
C LEU A 307 8.89 10.13 -11.94
N PHE A 308 10.16 10.22 -11.54
CA PHE A 308 10.51 10.82 -10.26
C PHE A 308 10.00 12.27 -10.19
N ARG A 309 10.25 13.06 -11.24
CA ARG A 309 9.80 14.45 -11.27
C ARG A 309 8.28 14.59 -11.23
N SER A 310 7.59 13.64 -11.86
CA SER A 310 6.12 13.68 -11.92
C SER A 310 5.44 13.54 -10.54
N THR A 311 6.15 13.00 -9.54
CA THR A 311 5.59 12.89 -8.20
C THR A 311 5.32 14.25 -7.54
N MET A 312 5.99 15.31 -7.99
CA MET A 312 5.81 16.64 -7.39
C MET A 312 4.51 17.33 -7.83
N LYS A 313 3.99 16.97 -8.99
CA LYS A 313 2.77 17.62 -9.50
C LYS A 313 1.54 17.39 -8.60
N PRO A 314 1.28 16.12 -8.18
CA PRO A 314 0.20 15.93 -7.20
C PRO A 314 0.41 16.61 -5.84
N VAL A 315 1.67 16.78 -5.43
CA VAL A 315 1.99 17.49 -4.19
C VAL A 315 1.58 18.96 -4.34
N GLN A 316 1.96 19.58 -5.46
CA GLN A 316 1.53 20.94 -5.79
C GLN A 316 0.00 21.06 -5.77
N LYS A 317 -0.68 20.09 -6.36
CA LYS A 317 -2.14 20.08 -6.45
C LYS A 317 -2.84 20.00 -5.10
N VAL A 318 -2.35 19.14 -4.19
CA VAL A 318 -2.99 19.03 -2.85
C VAL A 318 -2.84 20.30 -2.05
N LEU A 319 -1.70 20.97 -2.20
CA LEU A 319 -1.48 22.26 -1.54
C LEU A 319 -2.47 23.30 -2.06
N GLU A 320 -2.64 23.38 -3.38
CA GLU A 320 -3.64 24.29 -3.97
C GLU A 320 -5.05 24.05 -3.44
N ASP A 321 -5.47 22.79 -3.41
CA ASP A 321 -6.82 22.40 -2.98
C ASP A 321 -7.05 22.45 -1.46
N SER A 322 -5.99 22.71 -0.70
CA SER A 322 -6.12 22.94 0.74
C SER A 322 -5.85 24.40 1.14
N ASP A 323 -5.66 25.27 0.15
CA ASP A 323 -5.31 26.68 0.36
C ASP A 323 -4.04 26.84 1.23
N LEU A 324 -3.02 26.03 0.93
CA LEU A 324 -1.75 26.06 1.65
C LEU A 324 -0.60 26.33 0.69
N LYS A 325 0.48 26.90 1.23
CA LYS A 325 1.73 27.07 0.49
C LYS A 325 2.69 26.00 0.99
N LYS A 326 3.73 25.73 0.22
CA LYS A 326 4.75 24.76 0.63
C LYS A 326 5.36 25.07 2.02
N SER A 327 5.46 26.37 2.36
CA SER A 327 5.98 26.79 3.66
C SER A 327 5.07 26.49 4.84
N ASP A 328 3.78 26.24 4.59
CA ASP A 328 2.83 25.84 5.64
C ASP A 328 2.97 24.38 6.11
N ILE A 329 3.73 23.57 5.37
CA ILE A 329 3.90 22.16 5.72
C ILE A 329 4.92 22.03 6.87
N ASP A 330 4.45 21.44 7.96
CA ASP A 330 5.23 21.28 9.19
C ASP A 330 5.92 19.92 9.30
N GLU A 331 5.32 18.89 8.71
CA GLU A 331 5.82 17.53 8.78
C GLU A 331 5.67 16.86 7.42
N ILE A 332 6.64 16.04 7.05
CA ILE A 332 6.58 15.25 5.82
C ILE A 332 6.78 13.79 6.19
N VAL A 333 5.83 12.96 5.76
CA VAL A 333 5.86 11.54 6.03
C VAL A 333 5.99 10.79 4.71
N LEU A 334 7.03 9.96 4.61
CA LEU A 334 7.28 9.13 3.43
C LEU A 334 6.81 7.70 3.70
N VAL A 335 6.01 7.18 2.78
CA VAL A 335 5.47 5.84 2.87
C VAL A 335 5.77 5.11 1.57
N GLY A 336 6.11 3.82 1.68
CA GLY A 336 6.45 2.99 0.54
C GLY A 336 7.94 2.82 0.36
N GLY A 337 8.36 1.62 -0.03
CA GLY A 337 9.77 1.31 -0.21
C GLY A 337 10.46 2.19 -1.23
N SER A 338 9.72 2.58 -2.28
CA SER A 338 10.25 3.48 -3.30
C SER A 338 10.70 4.84 -2.78
N THR A 339 10.20 5.26 -1.61
CA THR A 339 10.63 6.53 -1.02
C THR A 339 12.05 6.45 -0.42
N ARG A 340 12.64 5.26 -0.31
CA ARG A 340 14.06 5.12 0.04
C ARG A 340 15.01 5.58 -1.07
N ILE A 341 14.51 5.69 -2.30
CA ILE A 341 15.35 6.03 -3.46
C ILE A 341 15.91 7.43 -3.25
N PRO A 342 17.26 7.57 -3.18
CA PRO A 342 17.82 8.88 -2.87
C PRO A 342 17.33 10.06 -3.72
N LYS A 343 17.17 9.86 -5.03
CA LYS A 343 16.69 10.92 -5.90
C LYS A 343 15.28 11.40 -5.53
N ILE A 344 14.41 10.48 -5.11
CA ILE A 344 13.08 10.83 -4.62
C ILE A 344 13.18 11.62 -3.31
N GLN A 345 14.00 11.15 -2.37
CA GLN A 345 14.20 11.90 -1.11
C GLN A 345 14.73 13.30 -1.40
N GLN A 346 15.68 13.40 -2.33
CA GLN A 346 16.23 14.69 -2.78
C GLN A 346 15.18 15.61 -3.35
N LEU A 347 14.37 15.11 -4.28
CA LEU A 347 13.32 15.94 -4.90
C LEU A 347 12.27 16.43 -3.89
N VAL A 348 11.87 15.58 -2.95
CA VAL A 348 10.89 15.97 -1.93
C VAL A 348 11.49 17.05 -1.02
N LYS A 349 12.71 16.80 -0.56
CA LYS A 349 13.42 17.77 0.29
C LYS A 349 13.58 19.13 -0.41
N GLU A 350 14.01 19.11 -1.67
CA GLU A 350 14.18 20.35 -2.46
C GLU A 350 12.86 21.07 -2.71
N PHE A 351 11.81 20.31 -3.00
CA PHE A 351 10.47 20.89 -3.14
C PHE A 351 10.05 21.67 -1.87
N PHE A 352 10.34 21.10 -0.70
CA PHE A 352 9.96 21.75 0.56
C PHE A 352 11.08 22.59 1.16
N ASN A 353 11.92 23.16 0.29
CA ASN A 353 12.93 24.15 0.65
C ASN A 353 13.94 23.63 1.70
N GLY A 354 14.27 22.35 1.60
CA GLY A 354 15.25 21.70 2.48
C GLY A 354 14.71 20.99 3.70
N LYS A 355 13.40 21.00 3.89
CA LYS A 355 12.77 20.40 5.06
C LYS A 355 12.97 18.87 5.12
N GLU A 356 13.26 18.38 6.32
CA GLU A 356 13.55 16.96 6.57
C GLU A 356 12.27 16.14 6.71
N PRO A 357 12.17 15.00 6.00
CA PRO A 357 11.08 14.05 6.31
C PRO A 357 11.29 13.34 7.64
N SER A 358 10.20 12.84 8.21
CA SER A 358 10.25 12.03 9.43
C SER A 358 11.02 10.73 9.18
N ARG A 359 11.70 10.25 10.22
CA ARG A 359 12.52 9.04 10.17
C ARG A 359 12.13 8.12 11.32
N GLY A 360 12.47 6.84 11.20
CA GLY A 360 12.40 5.91 12.35
C GLY A 360 11.73 4.57 12.13
N ILE A 361 10.95 4.46 11.07
CA ILE A 361 10.21 3.24 10.73
C ILE A 361 10.49 2.95 9.26
N ASN A 362 10.66 1.67 8.90
CA ASN A 362 10.76 1.26 7.48
C ASN A 362 9.52 1.78 6.75
N PRO A 363 9.70 2.52 5.63
CA PRO A 363 8.50 3.11 5.00
C PRO A 363 7.51 2.09 4.40
N ASP A 364 7.97 0.90 4.07
CA ASP A 364 7.08 -0.21 3.65
C ASP A 364 6.22 -0.78 4.78
N GLU A 365 6.62 -0.54 6.02
CA GLU A 365 5.98 -1.14 7.20
C GLU A 365 5.19 -0.13 8.06
N ALA A 366 5.33 1.16 7.77
CA ALA A 366 4.74 2.22 8.60
C ALA A 366 3.22 2.12 8.75
N VAL A 367 2.53 1.84 7.66
CA VAL A 367 1.07 1.75 7.70
C VAL A 367 0.63 0.59 8.57
N ALA A 368 1.21 -0.61 8.39
CA ALA A 368 0.86 -1.76 9.23
C ALA A 368 1.25 -1.51 10.69
N TYR A 369 2.39 -0.87 10.89
CA TYR A 369 2.84 -0.48 12.24
C TYR A 369 1.80 0.38 12.95
N GLY A 370 1.34 1.45 12.28
CA GLY A 370 0.32 2.32 12.84
C GLY A 370 -1.01 1.64 13.09
N ALA A 371 -1.40 0.77 12.16
CA ALA A 371 -2.60 -0.04 12.33
C ALA A 371 -2.51 -0.90 13.59
N ALA A 372 -1.34 -1.49 13.82
CA ALA A 372 -1.12 -2.34 15.00
C ALA A 372 -1.13 -1.52 16.29
N VAL A 373 -0.53 -0.33 16.26
CA VAL A 373 -0.61 0.62 17.39
C VAL A 373 -2.08 0.90 17.74
N GLN A 374 -2.88 1.23 16.73
CA GLN A 374 -4.29 1.51 16.94
C GLN A 374 -5.07 0.29 17.42
N ALA A 375 -4.77 -0.88 16.86
CA ALA A 375 -5.35 -2.13 17.35
C ALA A 375 -5.05 -2.32 18.85
N GLY A 376 -3.82 -2.00 19.26
CA GLY A 376 -3.45 -1.98 20.69
C GLY A 376 -4.31 -1.04 21.52
N VAL A 377 -4.49 0.19 21.03
CA VAL A 377 -5.32 1.18 21.72
C VAL A 377 -6.76 0.68 21.85
N LEU A 378 -7.31 0.18 20.73
CA LEU A 378 -8.71 -0.22 20.69
C LEU A 378 -9.04 -1.51 21.46
N SER A 379 -8.03 -2.29 21.86
CA SER A 379 -8.25 -3.55 22.60
C SER A 379 -7.92 -3.42 24.11
N LYS B 5 -17.36 20.65 13.68
CA LYS B 5 -16.32 20.83 12.62
C LYS B 5 -15.45 22.07 12.88
N LYS B 6 -16.10 23.21 13.10
CA LYS B 6 -15.41 24.48 13.35
C LYS B 6 -14.70 24.55 14.72
N LEU B 7 -15.17 23.75 15.69
CA LEU B 7 -14.56 23.71 17.02
C LEU B 7 -13.18 23.05 16.99
N ARG B 8 -12.27 23.54 17.86
CA ARG B 8 -10.94 22.96 18.01
C ARG B 8 -11.02 21.60 18.72
N VAL B 9 -9.95 20.81 18.61
CA VAL B 9 -9.93 19.45 19.16
C VAL B 9 -9.96 19.43 20.70
N LYS B 10 -9.27 20.37 21.35
CA LYS B 10 -9.33 20.50 22.81
C LYS B 10 -10.76 20.76 23.30
N GLU B 11 -11.54 21.49 22.50
CA GLU B 11 -12.95 21.78 22.79
C GLU B 11 -13.81 20.53 22.63
N LEU B 12 -13.54 19.73 21.60
CA LEU B 12 -14.26 18.46 21.37
C LEU B 12 -13.95 17.43 22.45
N LYS B 13 -12.68 17.32 22.84
CA LYS B 13 -12.26 16.50 23.98
C LYS B 13 -12.94 16.94 25.28
N LYS B 14 -13.08 18.25 25.47
CA LYS B 14 -13.75 18.83 26.63
C LYS B 14 -15.24 18.45 26.68
N ILE B 15 -15.92 18.52 25.53
CA ILE B 15 -17.35 18.12 25.44
C ILE B 15 -17.53 16.68 25.92
N LEU B 16 -16.74 15.77 25.36
CA LEU B 16 -16.79 14.35 25.77
C LEU B 16 -16.45 14.16 27.24
N ASP B 17 -15.42 14.87 27.72
CA ASP B 17 -15.01 14.81 29.13
C ASP B 17 -16.10 15.37 30.07
N ASP B 18 -16.80 16.40 29.61
CA ASP B 18 -17.95 16.96 30.36
C ASP B 18 -19.15 16.00 30.43
N TRP B 19 -19.32 15.15 29.41
CA TRP B 19 -20.35 14.10 29.42
C TRP B 19 -19.91 12.78 30.08
N GLY B 20 -18.68 12.71 30.58
CA GLY B 20 -18.16 11.51 31.22
C GLY B 20 -17.93 10.35 30.26
N GLU B 21 -17.45 10.68 29.05
CA GLU B 21 -17.17 9.69 28.01
C GLU B 21 -15.77 9.94 27.46
N MET B 22 -15.08 8.86 27.12
CA MET B 22 -13.73 8.91 26.54
C MET B 22 -13.77 8.37 25.12
N CYS B 23 -12.90 8.90 24.26
CA CYS B 23 -12.83 8.52 22.86
C CYS B 23 -11.63 7.57 22.67
N LYS B 24 -11.90 6.27 22.85
CA LYS B 24 -10.84 5.24 22.78
C LYS B 24 -10.41 4.99 21.33
N GLY B 25 -9.14 5.29 21.04
CA GLY B 25 -8.59 5.12 19.69
C GLY B 25 -9.17 6.04 18.64
N CYS B 26 -9.63 7.22 19.06
CA CYS B 26 -10.18 8.20 18.13
C CYS B 26 -9.01 8.98 17.54
N ALA B 27 -8.50 8.48 16.41
CA ALA B 27 -7.32 9.07 15.78
C ALA B 27 -7.62 10.38 15.07
N GLU B 28 -8.87 10.52 14.58
CA GLU B 28 -9.25 11.65 13.74
C GLU B 28 -10.36 12.49 14.34
N LYS B 29 -10.46 13.73 13.86
CA LYS B 29 -11.44 14.70 14.33
C LYS B 29 -12.86 14.15 14.15
N SER B 30 -13.12 13.56 12.98
CA SER B 30 -14.41 12.92 12.69
C SER B 30 -14.81 11.84 13.71
N ASP B 31 -13.84 11.14 14.30
CA ASP B 31 -14.12 10.15 15.35
C ASP B 31 -14.69 10.83 16.60
N TYR B 32 -14.11 11.97 16.98
CA TYR B 32 -14.61 12.79 18.08
C TYR B 32 -16.01 13.32 17.79
N ILE B 33 -16.21 13.84 16.58
CA ILE B 33 -17.50 14.40 16.17
C ILE B 33 -18.59 13.32 16.11
N ARG B 34 -18.22 12.12 15.64
CA ARG B 34 -19.14 10.98 15.61
C ARG B 34 -19.63 10.64 17.01
N LYS B 35 -18.70 10.48 17.95
CA LYS B 35 -19.05 10.13 19.33
C LYS B 35 -19.84 11.24 20.03
N ILE B 36 -19.53 12.50 19.74
CA ILE B 36 -20.29 13.63 20.30
C ILE B 36 -21.74 13.66 19.81
N ASN B 37 -21.95 13.43 18.50
CA ASN B 37 -23.31 13.36 17.93
C ASN B 37 -24.14 12.19 18.50
N GLU B 38 -23.47 11.12 18.93
CA GLU B 38 -24.13 9.99 19.59
C GLU B 38 -24.60 10.29 21.04
N LEU B 39 -23.92 11.20 21.72
CA LEU B 39 -24.26 11.60 23.11
C LEU B 39 -25.09 12.87 23.22
N MET B 40 -24.94 13.80 22.27
CA MET B 40 -25.57 15.13 22.35
C MET B 40 -27.07 15.11 22.07
N PRO B 41 -27.89 15.71 22.96
CA PRO B 41 -29.29 15.98 22.60
C PRO B 41 -29.43 17.05 21.50
N LYS B 42 -30.18 16.72 20.44
CA LYS B 42 -30.47 17.65 19.35
C LYS B 42 -31.93 18.14 19.30
N TYR B 43 -32.83 17.48 20.04
CA TYR B 43 -34.28 17.71 19.88
C TYR B 43 -34.94 18.23 21.17
N ALA B 44 -34.24 19.14 21.86
CA ALA B 44 -34.79 19.85 23.02
C ALA B 44 -35.94 20.77 22.59
#